data_4REY
#
_entry.id   4REY
#
_cell.length_a   129.725
_cell.length_b   129.725
_cell.length_c   37.104
_cell.angle_alpha   90.00
_cell.angle_beta   90.00
_cell.angle_gamma   120.00
#
_symmetry.space_group_name_H-M   'P 61'
#
loop_
_entity.id
_entity.type
_entity.pdbx_description
1 polymer 'Golgi reassembly-stacking protein 1'
2 polymer 'Golgin subfamily A member 2'
3 non-polymer 'SULFATE ION'
4 water water
#
loop_
_entity_poly.entity_id
_entity_poly.type
_entity_poly.pdbx_seq_one_letter_code
_entity_poly.pdbx_strand_id
1 'polypeptide(L)'
;GPEIGLGVSAEQPAGGAEGFHLHGVQENSPAQQAGLEPYFDFIITIGHSRLNKENDTLKALLKANVEKPVKLEVFNMKTM
RVREVEVVPSNMWGGQGLLGASVRFCSFRRASEQVWHVLDVEPSSPAALAGLRPYTDYVVGSDQILQESEDFFTLIESHE
GKPLKLMVYNSKSDSCREVTVTPNAAWGGEGSLGCGIGYGYLHRIPTQPPSYH
;
A
2 'polypeptide(L)' GPEFGSNPCIPFFYRADENDEVKITVI B
#
loop_
_chem_comp.id
_chem_comp.type
_chem_comp.name
_chem_comp.formula
SO4 non-polymer 'SULFATE ION' 'O4 S -2'
#
# COMPACT_ATOMS: atom_id res chain seq x y z
N GLY A 15 19.36 -8.64 -2.90
CA GLY A 15 18.99 -8.49 -1.50
C GLY A 15 19.80 -7.46 -0.71
N GLY A 16 19.82 -6.21 -1.16
CA GLY A 16 19.02 -5.70 -2.27
C GLY A 16 17.76 -5.05 -1.75
N ALA A 17 16.88 -4.61 -2.65
CA ALA A 17 15.74 -3.78 -2.30
C ALA A 17 14.40 -4.40 -2.62
N GLU A 18 14.37 -5.68 -2.99
CA GLU A 18 13.15 -6.32 -3.42
C GLU A 18 12.61 -7.21 -2.31
N GLY A 19 11.30 -7.50 -2.37
CA GLY A 19 10.63 -8.30 -1.38
C GLY A 19 9.18 -8.48 -1.72
N PHE A 20 8.43 -9.12 -0.83
CA PHE A 20 7.02 -9.32 -1.03
C PHE A 20 6.24 -8.27 -0.25
N HIS A 21 5.63 -7.38 -1.02
CA HIS A 21 4.83 -6.33 -0.46
C HIS A 21 3.57 -6.96 0.09
N LEU A 22 3.20 -6.52 1.27
CA LEU A 22 1.97 -6.95 1.90
C LEU A 22 0.82 -6.09 1.47
N HIS A 23 0.02 -6.62 0.56
CA HIS A 23 -1.11 -5.91 0.06
C HIS A 23 -2.26 -5.96 1.07
N GLY A 24 -2.48 -7.09 1.74
CA GLY A 24 -3.65 -7.18 2.60
C GLY A 24 -3.51 -8.35 3.51
N VAL A 25 -4.26 -8.40 4.61
CA VAL A 25 -4.21 -9.61 5.48
C VAL A 25 -5.61 -9.90 5.83
N GLN A 26 -5.94 -11.18 5.98
CA GLN A 26 -7.30 -11.59 6.34
C GLN A 26 -7.50 -11.56 7.85
N GLU A 27 -8.74 -11.36 8.26
CA GLU A 27 -9.11 -11.45 9.67
C GLU A 27 -8.79 -12.81 10.29
N ASN A 28 -8.22 -12.80 11.49
CA ASN A 28 -7.99 -14.03 12.24
C ASN A 28 -6.88 -14.88 11.60
N SER A 29 -6.14 -14.29 10.68
CA SER A 29 -5.04 -15.00 10.02
C SER A 29 -3.74 -15.00 10.81
N PRO A 30 -2.87 -16.01 10.56
CA PRO A 30 -1.56 -15.96 11.17
C PRO A 30 -0.83 -14.66 10.90
N ALA A 31 -1.00 -14.09 9.71
CA ALA A 31 -0.35 -12.82 9.41
C ALA A 31 -0.85 -11.70 10.33
N GLN A 32 -2.16 -11.63 10.51
CA GLN A 32 -2.73 -10.61 11.37
C GLN A 32 -2.27 -10.82 12.81
N GLN A 33 -2.28 -12.08 13.25
CA GLN A 33 -1.86 -12.46 14.62
C GLN A 33 -0.44 -11.99 14.90
N ALA A 34 0.42 -12.08 13.89
CA ALA A 34 1.81 -11.70 14.04
C ALA A 34 2.05 -10.19 13.81
N GLY A 35 1.01 -9.41 13.46
CA GLY A 35 1.16 -7.96 13.31
C GLY A 35 1.71 -7.51 11.94
N LEU A 36 1.65 -8.37 10.94
CA LEU A 36 2.03 -7.95 9.62
C LEU A 36 1.04 -6.84 9.19
N GLU A 37 1.55 -5.74 8.68
CA GLU A 37 0.74 -4.52 8.45
CA GLU A 37 0.74 -4.54 8.44
C GLU A 37 0.54 -4.31 6.94
N PRO A 38 -0.68 -4.43 6.44
CA PRO A 38 -0.90 -4.10 5.02
C PRO A 38 -0.36 -2.69 4.63
N TYR A 39 0.12 -2.60 3.39
CA TYR A 39 0.67 -1.40 2.74
C TYR A 39 2.08 -1.09 3.25
N PHE A 40 2.28 -1.01 4.55
CA PHE A 40 3.54 -0.57 5.08
C PHE A 40 4.62 -1.63 5.15
N ASP A 41 4.23 -2.92 5.24
CA ASP A 41 5.22 -4.01 5.37
C ASP A 41 5.63 -4.65 4.04
N PHE A 42 6.90 -5.05 3.97
CA PHE A 42 7.41 -5.86 2.89
C PHE A 42 8.12 -7.09 3.55
N ILE A 43 7.72 -8.30 3.19
CA ILE A 43 8.48 -9.50 3.67
C ILE A 43 9.74 -9.70 2.84
N ILE A 44 10.91 -9.69 3.48
CA ILE A 44 12.13 -9.73 2.74
C ILE A 44 12.95 -10.97 2.97
N THR A 45 12.69 -11.68 4.07
CA THR A 45 13.36 -12.97 4.28
C THR A 45 12.46 -13.92 5.02
N ILE A 46 12.66 -15.21 4.77
CA ILE A 46 12.07 -16.27 5.58
C ILE A 46 13.18 -17.23 6.00
N GLY A 47 13.27 -17.47 7.30
CA GLY A 47 14.45 -18.12 7.86
C GLY A 47 15.67 -17.42 7.36
N HIS A 48 16.64 -18.17 6.81
CA HIS A 48 17.82 -17.54 6.21
C HIS A 48 17.71 -17.16 4.76
N SER A 49 16.57 -17.45 4.17
CA SER A 49 16.41 -17.28 2.75
C SER A 49 15.99 -15.86 2.42
N ARG A 50 16.82 -15.17 1.64
CA ARG A 50 16.50 -13.80 1.23
C ARG A 50 15.55 -13.85 0.03
N LEU A 51 14.38 -13.24 0.19
CA LEU A 51 13.36 -13.26 -0.85
C LEU A 51 13.56 -12.15 -1.85
N ASN A 52 14.57 -12.28 -2.69
CA ASN A 52 14.92 -11.24 -3.66
C ASN A 52 14.65 -11.66 -5.07
N LYS A 53 13.94 -12.75 -5.25
CA LYS A 53 13.50 -13.13 -6.56
C LYS A 53 12.04 -13.66 -6.49
N GLU A 54 11.27 -13.43 -7.55
CA GLU A 54 9.88 -13.85 -7.57
C GLU A 54 9.79 -15.34 -7.91
N ASN A 55 9.90 -16.19 -6.90
CA ASN A 55 9.79 -17.63 -7.11
C ASN A 55 8.91 -18.22 -6.02
N ASP A 56 8.88 -19.56 -5.93
CA ASP A 56 8.01 -20.26 -4.99
CA ASP A 56 8.00 -20.23 -4.98
C ASP A 56 8.61 -20.43 -3.58
N THR A 57 9.78 -19.89 -3.34
CA THR A 57 10.45 -20.18 -2.08
C THR A 57 9.58 -19.82 -0.87
N LEU A 58 8.97 -18.64 -0.86
CA LEU A 58 8.15 -18.30 0.26
C LEU A 58 6.98 -19.25 0.46
N LYS A 59 6.21 -19.53 -0.59
CA LYS A 59 5.12 -20.50 -0.44
C LYS A 59 5.62 -21.88 -0.01
N ALA A 60 6.70 -22.32 -0.64
CA ALA A 60 7.24 -23.66 -0.44
C ALA A 60 7.70 -23.79 1.01
N LEU A 61 8.35 -22.76 1.56
CA LEU A 61 8.82 -22.86 2.95
C LEU A 61 7.70 -22.70 3.96
N LEU A 62 6.66 -21.94 3.63
CA LEU A 62 5.56 -21.88 4.57
C LEU A 62 4.90 -23.25 4.65
N LYS A 63 4.71 -23.89 3.51
CA LYS A 63 4.12 -25.22 3.48
C LYS A 63 5.00 -26.29 4.17
N ALA A 64 6.32 -26.22 4.02
CA ALA A 64 7.21 -27.22 4.63
C ALA A 64 7.31 -27.04 6.13
N ASN A 65 6.79 -25.94 6.64
CA ASN A 65 6.86 -25.58 8.06
C ASN A 65 5.47 -25.37 8.64
N VAL A 66 4.49 -26.01 8.03
CA VAL A 66 3.10 -25.71 8.40
C VAL A 66 2.94 -26.20 9.84
N GLU A 67 2.26 -25.38 10.64
CA GLU A 67 1.98 -25.60 12.08
C GLU A 67 3.22 -25.43 12.95
N LYS A 68 4.29 -24.84 12.41
CA LYS A 68 5.51 -24.65 13.16
C LYS A 68 5.89 -23.15 13.04
N PRO A 69 6.58 -22.61 14.05
CA PRO A 69 6.98 -21.21 14.03
C PRO A 69 8.12 -21.00 13.06
N VAL A 70 8.00 -19.92 12.32
CA VAL A 70 8.91 -19.57 11.23
C VAL A 70 9.29 -18.11 11.41
N LYS A 71 10.58 -17.75 11.27
CA LYS A 71 11.06 -16.38 11.39
CA LYS A 71 10.91 -16.33 11.42
C LYS A 71 10.92 -15.62 10.06
N LEU A 72 10.25 -14.50 10.02
CA LEU A 72 10.34 -13.62 8.85
C LEU A 72 11.13 -12.36 9.24
N GLU A 73 11.84 -11.76 8.28
CA GLU A 73 12.27 -10.39 8.43
C GLU A 73 11.36 -9.54 7.52
N VAL A 74 11.01 -8.36 8.02
CA VAL A 74 9.97 -7.53 7.43
C VAL A 74 10.45 -6.09 7.48
N PHE A 75 10.43 -5.40 6.34
CA PHE A 75 10.73 -3.96 6.26
C PHE A 75 9.43 -3.19 6.27
N ASN A 76 9.40 -2.14 7.08
CA ASN A 76 8.23 -1.34 7.29
C ASN A 76 8.54 0.10 6.86
N MET A 77 7.71 0.69 6.00
CA MET A 77 7.90 2.09 5.56
C MET A 77 7.68 3.17 6.63
N LYS A 78 6.77 2.89 7.57
CA LYS A 78 6.40 3.94 8.54
C LYS A 78 7.52 4.05 9.59
N THR A 79 8.20 2.94 9.88
CA THR A 79 9.36 3.00 10.79
C THR A 79 10.68 2.99 10.00
N MET A 80 10.67 2.56 8.75
CA MET A 80 11.88 2.50 7.92
C MET A 80 12.94 1.58 8.54
N ARG A 81 12.47 0.53 9.25
CA ARG A 81 13.36 -0.44 9.90
CA ARG A 81 13.37 -0.43 9.87
C ARG A 81 12.97 -1.85 9.48
N VAL A 82 13.92 -2.77 9.59
CA VAL A 82 13.64 -4.17 9.33
C VAL A 82 13.41 -4.76 10.71
N ARG A 83 12.34 -5.54 10.93
CA ARG A 83 12.16 -6.24 12.22
C ARG A 83 12.01 -7.73 11.92
N GLU A 84 12.21 -8.56 12.95
CA GLU A 84 11.91 -9.97 12.87
C GLU A 84 10.53 -10.30 13.43
N VAL A 85 9.78 -11.12 12.71
CA VAL A 85 8.43 -11.49 13.07
C VAL A 85 8.21 -13.03 13.04
N GLU A 86 7.76 -13.62 14.14
CA GLU A 86 7.50 -15.06 14.11
C GLU A 86 6.10 -15.30 13.60
N VAL A 87 5.91 -16.15 12.60
CA VAL A 87 4.57 -16.57 12.21
C VAL A 87 4.47 -18.10 12.29
N VAL A 88 3.22 -18.58 12.44
CA VAL A 88 2.93 -20.04 12.46
C VAL A 88 1.97 -20.29 11.31
N PRO A 89 2.49 -20.65 10.13
CA PRO A 89 1.61 -20.94 9.00
C PRO A 89 0.67 -22.07 9.38
N SER A 90 -0.55 -22.05 8.89
CA SER A 90 -1.55 -23.03 9.31
C SER A 90 -2.67 -23.27 8.33
N ASN A 91 -3.13 -24.50 8.30
CA ASN A 91 -4.32 -24.96 7.59
C ASN A 91 -5.57 -24.88 8.46
N MET A 92 -5.42 -24.45 9.71
CA MET A 92 -6.47 -24.68 10.72
C MET A 92 -7.30 -23.44 11.02
N TRP A 93 -6.93 -22.28 10.50
CA TRP A 93 -7.57 -21.04 10.98
C TRP A 93 -8.84 -20.65 10.19
N GLY A 94 -9.16 -21.41 9.14
CA GLY A 94 -10.44 -21.27 8.47
C GLY A 94 -10.55 -20.35 7.26
N GLY A 95 -9.53 -19.52 7.01
CA GLY A 95 -9.51 -18.68 5.82
C GLY A 95 -8.59 -19.22 4.74
N GLN A 96 -8.27 -18.42 3.72
CA GLN A 96 -7.43 -18.88 2.59
C GLN A 96 -5.93 -18.60 2.75
N GLY A 97 -5.09 -19.61 2.45
CA GLY A 97 -3.66 -19.52 2.53
C GLY A 97 -3.11 -19.97 3.88
N LEU A 98 -1.79 -20.14 3.98
CA LEU A 98 -1.23 -20.61 5.26
C LEU A 98 -0.92 -19.46 6.21
N LEU A 99 -0.65 -18.29 5.63
CA LEU A 99 -0.51 -17.05 6.40
C LEU A 99 -1.76 -16.20 6.45
N GLY A 100 -2.64 -16.34 5.45
CA GLY A 100 -3.77 -15.44 5.27
C GLY A 100 -3.38 -14.03 4.83
N ALA A 101 -2.37 -13.92 3.97
CA ALA A 101 -1.90 -12.63 3.46
C ALA A 101 -1.91 -12.58 1.96
N SER A 102 -2.06 -11.38 1.43
CA SER A 102 -2.07 -11.13 0.00
C SER A 102 -0.77 -10.34 -0.27
N VAL A 103 0.05 -10.82 -1.21
CA VAL A 103 1.32 -10.17 -1.50
C VAL A 103 1.60 -10.03 -2.96
N ARG A 104 2.57 -9.18 -3.25
CA ARG A 104 3.05 -8.94 -4.60
C ARG A 104 4.52 -8.64 -4.56
N PHE A 105 5.31 -9.38 -5.30
CA PHE A 105 6.75 -9.10 -5.39
C PHE A 105 7.00 -7.66 -5.86
N CYS A 106 7.87 -6.91 -5.19
CA CYS A 106 7.98 -5.46 -5.38
C CYS A 106 9.31 -4.94 -4.83
N SER A 107 9.58 -3.66 -5.08
CA SER A 107 10.79 -3.01 -4.58
C SER A 107 10.35 -2.05 -3.49
N PHE A 108 11.02 -2.04 -2.34
CA PHE A 108 10.72 -1.06 -1.30
C PHE A 108 11.72 0.13 -1.38
N ARG A 109 12.63 0.10 -2.37
CA ARG A 109 13.70 1.10 -2.44
C ARG A 109 13.13 2.52 -2.51
N ARG A 110 12.29 2.78 -3.49
CA ARG A 110 11.72 4.11 -3.70
C ARG A 110 10.21 4.17 -3.45
N ALA A 111 9.63 3.08 -2.93
CA ALA A 111 8.18 2.93 -2.78
C ALA A 111 7.53 4.06 -1.97
N SER A 112 8.10 4.40 -0.85
CA SER A 112 7.58 5.43 0.00
C SER A 112 7.61 6.84 -0.65
N GLU A 113 8.33 7.02 -1.77
CA GLU A 113 8.27 8.27 -2.54
C GLU A 113 6.96 8.51 -3.29
N GLN A 114 6.21 7.44 -3.57
N GLN A 114 6.20 7.43 -3.50
CA GLN A 114 5.04 7.57 -4.44
CA GLN A 114 5.03 7.48 -4.37
C GLN A 114 3.79 7.79 -3.59
C GLN A 114 3.78 7.76 -3.55
N VAL A 115 3.78 8.91 -2.86
CA VAL A 115 2.56 9.35 -2.19
C VAL A 115 2.45 10.86 -2.46
N TRP A 116 1.24 11.38 -2.32
CA TRP A 116 0.98 12.80 -2.57
C TRP A 116 0.28 13.38 -1.35
N HIS A 117 0.78 14.52 -0.84
CA HIS A 117 0.41 15.03 0.51
C HIS A 117 -0.68 16.11 0.28
N VAL A 118 -1.82 15.96 0.94
CA VAL A 118 -2.85 17.00 0.84
C VAL A 118 -2.43 18.20 1.69
N LEU A 119 -2.41 19.39 1.09
CA LEU A 119 -1.99 20.59 1.81
C LEU A 119 -3.26 21.34 2.17
N ASP A 120 -3.34 22.67 1.95
CA ASP A 120 -4.59 23.38 2.26
C ASP A 120 -5.76 22.93 1.41
N VAL A 121 -6.95 22.85 2.01
CA VAL A 121 -8.23 22.48 1.33
C VAL A 121 -9.17 23.68 1.42
N GLU A 122 -9.66 24.12 0.28
CA GLU A 122 -10.66 25.17 0.20
C GLU A 122 -12.07 24.63 0.50
N PRO A 123 -12.88 25.43 1.23
CA PRO A 123 -14.28 25.04 1.46
C PRO A 123 -15.02 25.01 0.14
N SER A 124 -16.01 24.15 0.07
CA SER A 124 -16.87 23.88 -1.05
C SER A 124 -16.15 23.26 -2.24
N SER A 125 -14.85 22.99 -2.14
CA SER A 125 -14.10 22.43 -3.27
C SER A 125 -14.39 20.92 -3.44
N PRO A 126 -14.01 20.36 -4.61
CA PRO A 126 -14.02 18.88 -4.79
C PRO A 126 -13.35 18.15 -3.66
N ALA A 127 -12.22 18.66 -3.24
CA ALA A 127 -11.45 18.00 -2.17
C ALA A 127 -12.21 18.01 -0.84
N ALA A 128 -12.85 19.13 -0.56
CA ALA A 128 -13.63 19.23 0.66
C ALA A 128 -14.86 18.30 0.63
N LEU A 129 -15.58 18.29 -0.48
CA LEU A 129 -16.74 17.41 -0.68
C LEU A 129 -16.36 15.92 -0.51
N ALA A 130 -15.14 15.59 -0.87
CA ALA A 130 -14.58 14.24 -0.73
C ALA A 130 -14.15 13.91 0.68
N GLY A 131 -14.04 14.93 1.52
CA GLY A 131 -13.48 14.78 2.83
C GLY A 131 -11.98 14.67 2.99
N LEU A 132 -11.23 15.20 2.06
CA LEU A 132 -9.75 15.27 2.23
C LEU A 132 -9.47 16.23 3.36
N ARG A 133 -8.48 15.85 4.18
CA ARG A 133 -8.15 16.49 5.42
C ARG A 133 -6.80 17.19 5.25
N PRO A 134 -6.77 18.51 5.46
CA PRO A 134 -5.53 19.23 5.20
C PRO A 134 -4.36 18.82 6.02
N TYR A 135 -3.22 18.69 5.37
CA TYR A 135 -1.93 18.36 5.97
C TYR A 135 -1.80 17.02 6.64
N THR A 136 -2.88 16.28 6.91
CA THR A 136 -2.72 14.99 7.56
C THR A 136 -3.03 13.82 6.57
N ASP A 137 -3.68 14.12 5.46
CA ASP A 137 -3.93 13.12 4.45
C ASP A 137 -2.78 12.96 3.43
N TYR A 138 -2.53 11.70 3.10
CA TYR A 138 -1.54 11.32 2.08
C TYR A 138 -2.25 10.34 1.13
N VAL A 139 -2.27 10.66 -0.16
CA VAL A 139 -2.82 9.79 -1.16
C VAL A 139 -1.80 8.74 -1.56
N VAL A 140 -2.15 7.45 -1.39
CA VAL A 140 -1.19 6.37 -1.52
C VAL A 140 -1.51 5.37 -2.59
N GLY A 141 -2.72 5.46 -3.11
CA GLY A 141 -3.15 4.53 -4.17
C GLY A 141 -4.52 4.86 -4.72
N SER A 142 -4.98 3.97 -5.59
CA SER A 142 -6.20 4.15 -6.36
C SER A 142 -6.62 2.81 -6.84
N ASP A 143 -7.82 2.69 -7.40
CA ASP A 143 -8.14 1.44 -8.05
C ASP A 143 -7.65 1.52 -9.48
N GLN A 144 -7.07 2.64 -9.88
CA GLN A 144 -6.50 2.81 -11.20
C GLN A 144 -5.02 2.44 -11.13
N ILE A 145 -4.54 1.69 -12.09
CA ILE A 145 -3.11 1.40 -12.24
C ILE A 145 -2.33 2.49 -13.03
N LEU A 146 -1.28 3.03 -12.43
CA LEU A 146 -0.45 4.01 -13.11
C LEU A 146 0.43 3.31 -14.14
N GLN A 147 0.43 3.81 -15.36
CA GLN A 147 1.39 3.32 -16.35
C GLN A 147 2.70 4.06 -16.08
N GLU A 148 3.80 3.58 -16.62
CA GLU A 148 5.08 4.19 -16.25
C GLU A 148 5.06 5.65 -16.69
N SER A 149 5.68 6.50 -15.88
CA SER A 149 5.70 7.95 -16.08
C SER A 149 4.35 8.64 -15.86
N GLU A 150 3.34 7.92 -15.37
CA GLU A 150 2.12 8.56 -14.86
C GLU A 150 2.24 8.81 -13.35
N ASP A 151 1.43 9.71 -12.84
CA ASP A 151 1.46 9.98 -11.44
C ASP A 151 0.07 10.41 -10.96
N PHE A 152 -0.05 10.86 -9.72
CA PHE A 152 -1.34 11.31 -9.18
C PHE A 152 -1.99 12.39 -10.07
N PHE A 153 -1.20 13.32 -10.61
CA PHE A 153 -1.77 14.39 -11.42
C PHE A 153 -2.27 13.90 -12.73
N THR A 154 -1.65 12.85 -13.28
CA THR A 154 -2.17 12.17 -14.47
C THR A 154 -3.65 11.82 -14.28
N LEU A 155 -3.92 11.19 -13.13
CA LEU A 155 -5.24 10.69 -12.77
C LEU A 155 -6.24 11.80 -12.56
N ILE A 156 -5.85 12.84 -11.82
CA ILE A 156 -6.74 14.00 -11.62
C ILE A 156 -7.10 14.57 -13.03
N GLU A 157 -6.08 14.77 -13.86
CA GLU A 157 -6.31 15.33 -15.19
C GLU A 157 -7.24 14.52 -16.13
N SER A 158 -7.29 13.21 -15.94
CA SER A 158 -8.08 12.35 -16.82
C SER A 158 -9.45 12.02 -16.23
N HIS A 159 -9.73 12.53 -15.03
CA HIS A 159 -11.05 12.35 -14.40
C HIS A 159 -11.88 13.63 -14.22
N GLU A 160 -11.78 14.60 -15.14
CA GLU A 160 -12.68 15.76 -15.07
C GLU A 160 -14.13 15.31 -15.08
N GLY A 161 -14.86 15.66 -14.04
CA GLY A 161 -16.27 15.33 -13.97
C GLY A 161 -16.53 13.84 -13.72
N LYS A 162 -15.48 13.10 -13.39
CA LYS A 162 -15.62 11.66 -13.14
C LYS A 162 -15.11 11.28 -11.75
N PRO A 163 -15.82 10.33 -11.09
CA PRO A 163 -15.38 9.93 -9.74
C PRO A 163 -14.10 9.09 -9.80
N LEU A 164 -13.18 9.44 -8.96
CA LEU A 164 -11.90 8.80 -8.85
C LEU A 164 -11.78 8.21 -7.46
N LYS A 165 -11.57 6.88 -7.35
N LYS A 165 -11.58 6.89 -7.36
CA LYS A 165 -11.48 6.24 -6.04
CA LYS A 165 -11.42 6.24 -6.08
C LYS A 165 -9.99 6.10 -5.61
C LYS A 165 -9.92 6.28 -5.69
N LEU A 166 -9.69 6.72 -4.47
CA LEU A 166 -8.35 6.85 -3.90
C LEU A 166 -8.24 6.14 -2.56
N MET A 167 -7.12 5.43 -2.28
N MET A 167 -7.01 5.92 -2.13
CA MET A 167 -6.76 5.11 -0.89
CA MET A 167 -6.80 5.16 -0.95
C MET A 167 -5.96 6.30 -0.28
C MET A 167 -5.80 6.09 -0.19
N VAL A 168 -6.24 6.59 0.97
CA VAL A 168 -5.65 7.71 1.65
C VAL A 168 -5.22 7.30 3.03
N TYR A 169 -4.01 7.69 3.42
CA TYR A 169 -3.50 7.39 4.77
C TYR A 169 -3.52 8.70 5.52
N ASN A 170 -3.99 8.66 6.76
CA ASN A 170 -4.03 9.83 7.61
C ASN A 170 -3.05 9.73 8.77
N SER A 171 -2.14 10.70 8.86
CA SER A 171 -1.07 10.66 9.88
C SER A 171 -1.56 10.90 11.26
N LYS A 172 -2.69 11.59 11.40
CA LYS A 172 -3.26 11.88 12.70
C LYS A 172 -4.04 10.67 13.26
N SER A 173 -4.89 10.04 12.47
CA SER A 173 -5.57 8.84 12.96
C SER A 173 -4.73 7.60 12.74
N ASP A 174 -3.65 7.70 11.98
CA ASP A 174 -2.78 6.59 11.67
C ASP A 174 -3.57 5.46 11.03
N SER A 175 -4.42 5.76 10.07
CA SER A 175 -5.23 4.73 9.48
C SER A 175 -5.51 5.14 8.04
N CYS A 176 -5.87 4.14 7.25
CA CYS A 176 -6.16 4.30 5.83
C CYS A 176 -7.67 4.29 5.60
N ARG A 177 -8.15 4.95 4.55
CA ARG A 177 -9.55 4.82 4.21
C ARG A 177 -9.71 5.09 2.72
N GLU A 178 -10.86 4.71 2.16
N GLU A 178 -10.82 4.66 2.14
CA GLU A 178 -11.19 4.99 0.78
CA GLU A 178 -11.14 4.97 0.77
C GLU A 178 -11.89 6.33 0.64
C GLU A 178 -11.69 6.39 0.75
N VAL A 179 -11.43 7.12 -0.33
CA VAL A 179 -11.91 8.45 -0.59
C VAL A 179 -12.30 8.51 -2.08
N THR A 180 -13.45 9.11 -2.40
CA THR A 180 -13.83 9.35 -3.83
C THR A 180 -13.93 10.82 -4.06
N VAL A 181 -13.21 11.30 -5.06
CA VAL A 181 -13.14 12.72 -5.39
C VAL A 181 -13.57 12.85 -6.84
N THR A 182 -14.32 13.92 -7.16
CA THR A 182 -14.74 14.16 -8.54
C THR A 182 -14.06 15.48 -8.94
N PRO A 183 -12.89 15.41 -9.58
CA PRO A 183 -12.25 16.62 -10.10
C PRO A 183 -13.22 17.45 -10.96
N ASN A 184 -13.12 18.77 -10.88
CA ASN A 184 -14.12 19.67 -11.50
C ASN A 184 -13.51 21.02 -11.73
N ALA A 185 -12.89 21.19 -12.89
CA ALA A 185 -12.29 22.44 -13.29
C ALA A 185 -13.24 23.67 -13.24
N ALA A 186 -14.53 23.43 -13.22
CA ALA A 186 -15.49 24.51 -13.19
C ALA A 186 -16.16 24.62 -11.82
N TRP A 187 -15.52 24.12 -10.77
CA TRP A 187 -16.15 24.21 -9.46
C TRP A 187 -16.25 25.65 -8.97
N GLY A 188 -15.41 26.57 -9.48
CA GLY A 188 -15.60 28.00 -9.27
C GLY A 188 -14.30 28.59 -8.77
N GLY A 189 -13.48 27.76 -8.13
CA GLY A 189 -12.26 28.27 -7.55
C GLY A 189 -11.11 27.79 -8.39
N GLU A 190 -9.91 27.80 -7.84
CA GLU A 190 -8.76 27.43 -8.65
C GLU A 190 -8.56 25.93 -8.70
N GLY A 191 -7.98 25.49 -9.82
CA GLY A 191 -7.72 24.07 -10.05
C GLY A 191 -8.98 23.24 -10.16
N SER A 192 -8.81 21.95 -10.26
CA SER A 192 -9.94 21.05 -10.40
C SER A 192 -10.21 20.32 -9.08
N LEU A 193 -9.29 20.42 -8.10
CA LEU A 193 -9.46 19.81 -6.76
C LEU A 193 -9.80 20.78 -5.68
N GLY A 194 -9.23 21.96 -5.81
CA GLY A 194 -9.30 23.03 -4.83
C GLY A 194 -8.58 22.65 -3.53
N CYS A 195 -7.46 21.92 -3.66
CA CYS A 195 -6.54 21.76 -2.53
C CYS A 195 -5.14 21.83 -3.05
N GLY A 196 -4.21 22.16 -2.19
CA GLY A 196 -2.83 22.11 -2.57
C GLY A 196 -2.42 20.64 -2.46
N ILE A 197 -1.41 20.25 -3.25
CA ILE A 197 -0.80 18.90 -3.19
C ILE A 197 0.73 19.06 -3.13
N GLY A 198 1.35 18.31 -2.22
CA GLY A 198 2.80 18.33 -2.10
C GLY A 198 3.40 17.03 -2.51
N TYR A 199 4.53 17.14 -3.16
CA TYR A 199 5.27 15.94 -3.58
C TYR A 199 6.73 16.19 -3.32
N GLY A 200 7.40 15.24 -2.65
CA GLY A 200 8.82 15.32 -2.40
C GLY A 200 9.13 15.05 -0.92
N TYR A 201 10.32 15.51 -0.53
CA TYR A 201 11.00 15.15 0.70
C TYR A 201 10.21 15.38 1.99
N LEU A 202 9.52 16.51 2.03
CA LEU A 202 8.72 16.88 3.20
C LEU A 202 7.27 16.48 3.05
N HIS A 203 7.00 15.70 2.02
CA HIS A 203 5.64 15.36 1.66
C HIS A 203 5.35 13.85 1.61
N ARG A 204 6.14 13.11 2.34
CA ARG A 204 5.91 11.68 2.51
C ARG A 204 5.35 11.32 3.90
N ILE A 205 4.93 10.07 4.07
CA ILE A 205 4.24 9.68 5.29
C ILE A 205 5.24 9.84 6.38
N PRO A 206 4.85 10.51 7.47
CA PRO A 206 5.79 10.73 8.55
C PRO A 206 6.29 9.42 9.14
N THR A 207 7.60 9.39 9.40
CA THR A 207 8.28 8.27 9.92
C THR A 207 8.09 8.27 11.41
N GLN A 208 7.74 7.09 11.91
CA GLN A 208 7.26 6.95 13.26
C GLN A 208 8.39 6.32 14.05
N PRO A 209 8.75 6.94 15.17
CA PRO A 209 9.80 6.32 15.99
C PRO A 209 9.64 4.80 16.35
N PRO A 210 8.41 4.26 16.57
CA PRO A 210 8.22 2.85 17.00
C PRO A 210 9.27 1.80 16.59
N SER B 6 -16.34 -5.94 -7.15
CA SER B 6 -15.42 -5.15 -6.34
C SER B 6 -14.05 -5.08 -7.03
N ASN B 7 -13.30 -3.99 -6.80
CA ASN B 7 -12.04 -3.78 -7.50
C ASN B 7 -10.92 -3.27 -6.57
N PRO B 8 -9.72 -3.90 -6.64
CA PRO B 8 -8.71 -3.71 -5.60
C PRO B 8 -7.99 -2.36 -5.60
N CYS B 9 -7.72 -1.88 -4.39
CA CYS B 9 -6.83 -0.78 -4.14
C CYS B 9 -5.41 -1.12 -4.51
N ILE B 10 -4.80 -0.28 -5.33
CA ILE B 10 -3.46 -0.52 -5.88
C ILE B 10 -2.57 0.62 -5.41
N PRO B 11 -1.56 0.30 -4.59
CA PRO B 11 -0.58 1.33 -4.28
C PRO B 11 0.00 1.98 -5.55
N PHE B 12 0.29 3.27 -5.46
CA PHE B 12 0.84 3.97 -6.60
C PHE B 12 2.20 3.43 -7.06
N PHE B 13 2.93 2.71 -6.21
CA PHE B 13 4.22 2.17 -6.67
C PHE B 13 4.04 0.82 -7.37
N TYR B 14 2.82 0.27 -7.43
CA TYR B 14 2.60 -0.98 -8.20
C TYR B 14 2.64 -0.65 -9.70
N ARG B 15 3.22 -1.56 -10.46
CA ARG B 15 3.28 -1.46 -11.91
C ARG B 15 2.77 -2.74 -12.51
N ALA B 16 2.11 -2.61 -13.66
CA ALA B 16 1.51 -3.77 -14.29
C ALA B 16 2.60 -4.72 -14.75
N ASP B 17 2.19 -5.94 -15.04
CA ASP B 17 3.11 -7.02 -15.44
C ASP B 17 3.39 -7.00 -16.94
N GLU B 18 3.84 -8.14 -17.45
CA GLU B 18 4.10 -8.32 -18.89
C GLU B 18 2.81 -8.52 -19.66
N ASN B 19 1.70 -8.63 -18.94
CA ASN B 19 0.39 -8.87 -19.51
C ASN B 19 -0.59 -7.74 -19.16
N ASP B 20 -0.05 -6.61 -18.72
CA ASP B 20 -0.84 -5.49 -18.22
C ASP B 20 -1.83 -5.99 -17.16
N GLU B 21 -1.32 -6.82 -16.25
CA GLU B 21 -2.08 -7.28 -15.08
C GLU B 21 -1.33 -6.99 -13.79
N VAL B 22 -2.11 -6.84 -12.72
CA VAL B 22 -1.55 -6.71 -11.37
C VAL B 22 -2.08 -7.88 -10.57
N LYS B 23 -1.32 -8.97 -10.57
CA LYS B 23 -1.75 -10.14 -9.83
C LYS B 23 -1.23 -10.05 -8.40
N ILE B 24 -2.14 -10.26 -7.47
CA ILE B 24 -1.86 -10.30 -6.06
C ILE B 24 -2.10 -11.74 -5.59
N THR B 25 -1.11 -12.28 -4.88
CA THR B 25 -1.13 -13.69 -4.46
C THR B 25 -1.55 -13.89 -3.03
N VAL B 26 -2.37 -14.91 -2.79
CA VAL B 26 -2.71 -15.27 -1.42
C VAL B 26 -1.75 -16.35 -0.91
N ILE B 27 -1.09 -16.09 0.21
CA ILE B 27 -0.14 -17.09 0.78
C ILE B 27 -0.52 -17.39 2.21
S SO4 C . -10.08 7.62 9.99
O1 SO4 C . -8.94 8.41 9.56
O2 SO4 C . -9.99 7.34 11.43
O3 SO4 C . -11.34 8.36 9.86
O4 SO4 C . -10.08 6.41 9.16
#